data_6S7H
#
_entry.id   6S7H
#
_cell.length_a   53.830
_cell.length_b   95.800
_cell.length_c   233.590
_cell.angle_alpha   90.000
_cell.angle_beta   90.000
_cell.angle_gamma   90.000
#
_symmetry.space_group_name_H-M   'C 2 2 21'
#
loop_
_entity.id
_entity.type
_entity.pdbx_description
1 polymer "5'-nucleotidase"
2 non-polymer 'ZINC ION'
3 non-polymer 'CALCIUM ION'
4 non-polymer (N6,N6)-methyl,benzyl-C2-chloro-(alpha,beta)-methylene-ADP
5 water water
#
_entity_poly.entity_id   1
_entity_poly.type   'polypeptide(L)'
_entity_poly.pdbx_seq_one_letter_code
;MWELTILHTNDVHSRLEQTSEDSSKCVDASRCMGGVARLFTKVQQIRRAEPNVLLLDAGDQYQGTIWFTVYKGAEVAHFM
NALRYDAMALGNHEFDNGVEGLIEPLLKEAKFPILSANIKAKGPLASQISGLYLPYKVLPVGDEVVGIVGYTSKETPFLS
NPGTNLVFEDEITALQPEVDKLKTLNVNKIIALGHSGFEMDKLIAQKVRGVDVVVGGHSNTFLYTGNPPSKEVPAGKYPF
IVTSDDGRKVPVVQAYAFGKYLGYLKIEFDERGNVISSHGNPILLDSSIPEDPSIKADINKWRIKLDDYSTQELGKTIVY
LDGSSQSCRFRECNMGNLICDAMINNNLRHTDEMFWNHVSMCILNGGGIRSPIDERNDGTITWENLAAVLPFGGTFDLVQ
LKGSTLKKAFEHSVHRYGQSTGEFLQVGGIHVVYDLSRKPGDRVVKLDVLCTKCRVPSYDPLKMDEVYKVILPNFLANGG
DGFQMIKDELLRHDSGDQDINVVSTYISKMKVIYPAVEGRIKFSLEHHHHHH
;
_entity_poly.pdbx_strand_id   A
#
loop_
_chem_comp.id
_chem_comp.type
_chem_comp.name
_chem_comp.formula
CA non-polymer 'CALCIUM ION' 'Ca 2'
KYW non-polymer (N6,N6)-methyl,benzyl-C2-chloro-(alpha,beta)-methylene-ADP 'C19 H24 Cl N5 O9 P2'
ZN non-polymer 'ZINC ION' 'Zn 2'
#
# COMPACT_ATOMS: atom_id res chain seq x y z
N MET A 1 27.60 17.16 -20.08
CA MET A 1 26.56 16.70 -19.14
CA MET A 1 26.57 16.69 -19.16
C MET A 1 25.30 16.29 -19.91
N TRP A 2 24.62 15.28 -19.40
CA TRP A 2 23.39 14.76 -19.97
C TRP A 2 22.42 14.71 -18.80
N GLU A 3 21.33 15.47 -18.88
CA GLU A 3 20.37 15.58 -17.79
C GLU A 3 19.13 14.72 -18.05
N LEU A 4 18.76 13.90 -17.08
CA LEU A 4 17.58 13.05 -17.12
C LEU A 4 16.59 13.49 -16.07
N THR A 5 15.30 13.62 -16.46
CA THR A 5 14.23 13.88 -15.49
C THR A 5 13.41 12.58 -15.30
N ILE A 6 13.38 12.08 -14.07
CA ILE A 6 12.63 10.88 -13.70
C ILE A 6 11.35 11.34 -12.99
N LEU A 7 10.23 10.97 -13.56
CA LEU A 7 8.92 11.24 -12.98
C LEU A 7 8.47 9.88 -12.46
N HIS A 8 7.97 9.82 -11.23
CA HIS A 8 7.62 8.52 -10.67
C HIS A 8 6.46 8.51 -9.72
N THR A 9 5.72 7.41 -9.76
CA THR A 9 4.57 7.13 -8.90
C THR A 9 4.73 5.75 -8.28
N ASN A 10 4.02 5.51 -7.20
CA ASN A 10 4.05 4.23 -6.51
C ASN A 10 2.85 4.09 -5.60
N ASP A 11 2.40 2.89 -5.37
CA ASP A 11 1.27 2.62 -4.50
C ASP A 11 0.04 3.50 -4.80
N VAL A 12 -0.27 3.65 -6.11
CA VAL A 12 -1.39 4.46 -6.54
C VAL A 12 -2.71 3.86 -6.06
N HIS A 13 -2.79 2.55 -5.96
CA HIS A 13 -3.93 1.87 -5.36
C HIS A 13 -5.31 2.39 -5.84
N SER A 14 -5.51 2.34 -7.16
CA SER A 14 -6.79 2.62 -7.82
C SER A 14 -7.39 4.01 -7.62
N ARG A 15 -6.56 5.03 -7.31
CA ARG A 15 -7.04 6.41 -7.20
C ARG A 15 -7.00 7.04 -8.60
N LEU A 16 -7.87 6.53 -9.49
CA LEU A 16 -7.94 7.01 -10.86
C LEU A 16 -8.54 8.41 -10.88
N GLU A 17 -9.53 8.67 -10.01
CA GLU A 17 -10.10 10.00 -9.86
C GLU A 17 -9.33 10.76 -8.80
N GLN A 18 -9.45 12.08 -8.83
CA GLN A 18 -8.90 12.94 -7.79
C GLN A 18 -9.58 12.60 -6.46
N THR A 19 -8.95 12.94 -5.34
CA THR A 19 -9.45 12.57 -4.02
C THR A 19 -9.35 13.71 -3.03
N SER A 20 -9.87 13.47 -1.81
CA SER A 20 -9.72 14.41 -0.69
CA SER A 20 -9.70 14.43 -0.72
C SER A 20 -8.24 14.37 -0.29
N GLU A 21 -7.78 15.32 0.53
CA GLU A 21 -6.40 15.38 1.04
C GLU A 21 -5.97 14.03 1.71
N ASP A 22 -6.91 13.35 2.39
CA ASP A 22 -6.63 12.06 3.07
C ASP A 22 -6.74 10.83 2.13
N SER A 23 -6.90 11.07 0.81
CA SER A 23 -6.99 10.08 -0.28
C SER A 23 -8.32 9.33 -0.33
N SER A 24 -9.33 9.79 0.42
CA SER A 24 -10.66 9.22 0.35
C SER A 24 -11.43 9.96 -0.77
N LYS A 25 -12.69 9.56 -1.00
CA LYS A 25 -13.50 10.11 -2.08
C LYS A 25 -13.51 11.62 -2.14
N CYS A 26 -13.32 12.19 -3.33
CA CYS A 26 -13.40 13.64 -3.53
C CYS A 26 -14.85 14.09 -3.38
N VAL A 27 -15.11 14.99 -2.43
CA VAL A 27 -16.43 15.58 -2.23
C VAL A 27 -16.38 17.06 -2.63
N ASP A 28 -15.47 17.83 -2.00
CA ASP A 28 -15.26 19.25 -2.26
C ASP A 28 -14.19 19.38 -3.36
N ALA A 29 -14.63 19.37 -4.63
CA ALA A 29 -13.74 19.44 -5.79
C ALA A 29 -12.76 20.63 -5.77
N SER A 30 -13.13 21.74 -5.11
CA SER A 30 -12.29 22.93 -4.93
C SER A 30 -10.90 22.62 -4.32
N ARG A 31 -10.81 21.64 -3.40
CA ARG A 31 -9.57 21.31 -2.68
C ARG A 31 -9.10 19.86 -2.92
N CYS A 32 -9.61 19.17 -3.96
CA CYS A 32 -9.19 17.81 -4.24
C CYS A 32 -7.83 17.74 -4.92
N MET A 33 -7.21 16.55 -4.88
CA MET A 33 -5.85 16.30 -5.29
C MET A 33 -5.71 14.99 -6.03
N GLY A 34 -4.55 14.80 -6.66
CA GLY A 34 -4.21 13.57 -7.36
C GLY A 34 -5.14 13.27 -8.52
N GLY A 35 -5.28 11.99 -8.84
CA GLY A 35 -6.07 11.52 -9.96
C GLY A 35 -5.24 11.55 -11.23
N VAL A 36 -5.59 10.70 -12.20
CA VAL A 36 -4.80 10.57 -13.44
C VAL A 36 -4.91 11.81 -14.37
N ALA A 37 -6.05 12.56 -14.34
CA ALA A 37 -6.20 13.75 -15.21
C ALA A 37 -5.26 14.88 -14.79
N ARG A 38 -5.16 15.15 -13.48
CA ARG A 38 -4.27 16.16 -12.91
C ARG A 38 -2.80 15.74 -13.11
N LEU A 39 -2.52 14.46 -12.89
CA LEU A 39 -1.17 13.89 -13.11
C LEU A 39 -0.76 14.11 -14.58
N PHE A 40 -1.69 13.85 -15.51
CA PHE A 40 -1.36 14.04 -16.96
C PHE A 40 -0.89 15.47 -17.26
N THR A 41 -1.62 16.47 -16.74
CA THR A 41 -1.30 17.88 -16.94
C THR A 41 0.13 18.17 -16.47
N LYS A 42 0.45 17.71 -15.26
CA LYS A 42 1.77 17.95 -14.71
C LYS A 42 2.85 17.27 -15.53
N VAL A 43 2.64 16.02 -15.94
CA VAL A 43 3.62 15.27 -16.71
C VAL A 43 3.86 15.96 -18.08
N GLN A 44 2.78 16.38 -18.73
CA GLN A 44 2.88 17.02 -20.05
C GLN A 44 3.67 18.33 -19.99
N GLN A 45 3.43 19.11 -18.93
CA GLN A 45 4.13 20.35 -18.62
C GLN A 45 5.63 20.08 -18.48
N ILE A 46 6.01 18.95 -17.85
CA ILE A 46 7.43 18.61 -17.69
C ILE A 46 8.03 18.11 -19.01
N ARG A 47 7.28 17.29 -19.77
CA ARG A 47 7.76 16.79 -21.07
CA ARG A 47 7.76 16.79 -21.07
C ARG A 47 8.00 17.95 -22.05
N ARG A 48 7.18 19.03 -21.98
CA ARG A 48 7.30 20.23 -22.82
C ARG A 48 8.61 20.96 -22.52
N ALA A 49 9.03 20.92 -21.26
CA ALA A 49 10.15 21.67 -20.72
C ALA A 49 11.48 20.96 -20.75
N GLU A 50 11.48 19.63 -20.52
CA GLU A 50 12.68 18.83 -20.39
C GLU A 50 12.79 17.85 -21.55
N PRO A 51 13.91 17.80 -22.28
CA PRO A 51 13.98 16.88 -23.43
C PRO A 51 14.14 15.41 -23.07
N ASN A 52 14.75 15.08 -21.93
CA ASN A 52 14.99 13.71 -21.53
C ASN A 52 14.19 13.36 -20.26
N VAL A 53 13.05 12.72 -20.46
CA VAL A 53 12.10 12.41 -19.40
C VAL A 53 11.69 10.95 -19.42
N LEU A 54 11.61 10.32 -18.23
CA LEU A 54 11.04 8.99 -18.04
C LEU A 54 9.91 9.07 -16.99
N LEU A 55 8.73 8.48 -17.30
CA LEU A 55 7.62 8.40 -16.37
C LEU A 55 7.57 6.92 -15.94
N LEU A 56 7.84 6.67 -14.66
CA LEU A 56 7.96 5.33 -14.10
C LEU A 56 6.99 5.04 -12.99
N ASP A 57 6.55 3.79 -12.87
CA ASP A 57 5.69 3.37 -11.75
C ASP A 57 6.35 2.21 -11.02
N ALA A 58 6.39 2.31 -9.69
CA ALA A 58 7.06 1.30 -8.86
C ALA A 58 6.09 0.30 -8.21
N GLY A 59 4.96 0.00 -8.86
CA GLY A 59 4.05 -1.04 -8.43
C GLY A 59 2.92 -0.59 -7.53
N ASP A 60 2.02 -1.55 -7.25
CA ASP A 60 0.83 -1.37 -6.44
C ASP A 60 -0.15 -0.32 -7.01
N GLN A 61 -0.43 -0.45 -8.29
CA GLN A 61 -1.48 0.28 -9.01
C GLN A 61 -2.78 -0.44 -8.62
N TYR A 62 -2.68 -1.80 -8.60
CA TYR A 62 -3.78 -2.70 -8.26
C TYR A 62 -4.27 -2.49 -6.83
N GLN A 63 -5.57 -2.59 -6.69
CA GLN A 63 -6.32 -2.62 -5.43
C GLN A 63 -6.45 -1.30 -4.68
N GLY A 64 -7.67 -0.89 -4.34
CA GLY A 64 -7.87 0.30 -3.52
C GLY A 64 -9.23 0.98 -3.58
N THR A 65 -9.92 0.94 -4.73
CA THR A 65 -11.22 1.60 -4.89
C THR A 65 -12.08 0.73 -5.76
N ILE A 66 -13.36 1.14 -5.89
CA ILE A 66 -14.35 0.49 -6.72
C ILE A 66 -13.88 0.38 -8.19
N TRP A 67 -12.94 1.23 -8.63
CA TRP A 67 -12.37 1.13 -9.98
C TRP A 67 -11.76 -0.25 -10.20
N PHE A 68 -10.99 -0.73 -9.22
CA PHE A 68 -10.36 -2.04 -9.32
C PHE A 68 -11.34 -3.17 -9.08
N THR A 69 -12.24 -3.03 -8.13
CA THR A 69 -13.26 -4.05 -7.85
C THR A 69 -14.08 -4.36 -9.14
N VAL A 70 -14.38 -3.32 -9.92
CA VAL A 70 -15.17 -3.42 -11.14
C VAL A 70 -14.33 -3.73 -12.38
N TYR A 71 -13.25 -2.96 -12.65
CA TYR A 71 -12.47 -3.17 -13.88
C TYR A 71 -11.30 -4.16 -13.75
N LYS A 72 -10.87 -4.47 -12.52
CA LYS A 72 -9.86 -5.49 -12.22
C LYS A 72 -8.52 -5.34 -12.95
N GLY A 73 -8.09 -4.10 -13.18
CA GLY A 73 -6.81 -3.81 -13.81
C GLY A 73 -6.91 -3.28 -15.23
N ALA A 74 -8.07 -3.46 -15.89
CA ALA A 74 -8.26 -2.93 -17.24
C ALA A 74 -8.15 -1.40 -17.23
N GLU A 75 -8.60 -0.78 -16.12
CA GLU A 75 -8.50 0.67 -15.92
C GLU A 75 -7.03 1.10 -15.78
N VAL A 76 -6.19 0.25 -15.13
CA VAL A 76 -4.75 0.49 -14.95
C VAL A 76 -4.07 0.46 -16.33
N ALA A 77 -4.21 -0.62 -17.11
CA ALA A 77 -3.62 -0.69 -18.47
C ALA A 77 -4.05 0.54 -19.29
N HIS A 78 -5.37 0.82 -19.33
CA HIS A 78 -5.95 1.93 -20.07
C HIS A 78 -5.38 3.31 -19.71
N PHE A 79 -5.46 3.70 -18.44
CA PHE A 79 -5.02 5.04 -18.04
C PHE A 79 -3.49 5.16 -17.94
N MET A 80 -2.74 4.07 -17.68
CA MET A 80 -1.28 4.14 -17.68
C MET A 80 -0.82 4.31 -19.13
N ASN A 81 -1.47 3.60 -20.05
CA ASN A 81 -1.24 3.74 -21.50
C ASN A 81 -1.56 5.15 -21.98
N ALA A 82 -2.64 5.75 -21.46
CA ALA A 82 -3.03 7.11 -21.84
C ALA A 82 -2.04 8.15 -21.32
N LEU A 83 -1.44 7.88 -20.12
CA LEU A 83 -0.42 8.77 -19.53
C LEU A 83 0.97 8.58 -20.13
N ARG A 84 1.16 7.53 -20.97
CA ARG A 84 2.41 7.24 -21.65
CA ARG A 84 2.41 7.25 -21.66
C ARG A 84 3.54 6.93 -20.66
N TYR A 85 3.26 6.03 -19.70
CA TYR A 85 4.26 5.58 -18.72
C TYR A 85 5.33 4.91 -19.54
N ASP A 86 6.59 5.12 -19.18
CA ASP A 86 7.72 4.52 -19.89
C ASP A 86 8.03 3.11 -19.38
N ALA A 87 7.73 2.84 -18.11
CA ALA A 87 7.93 1.51 -17.51
C ALA A 87 7.26 1.40 -16.16
N MET A 88 6.98 0.16 -15.76
CA MET A 88 6.41 -0.16 -14.47
C MET A 88 7.07 -1.41 -13.90
N ALA A 89 7.30 -1.44 -12.57
CA ALA A 89 7.75 -2.64 -11.88
C ALA A 89 6.54 -3.30 -11.21
N LEU A 90 6.57 -4.64 -11.08
CA LEU A 90 5.48 -5.39 -10.47
C LEU A 90 5.52 -5.24 -8.97
N GLY A 91 4.36 -4.93 -8.41
CA GLY A 91 4.20 -4.83 -6.96
C GLY A 91 3.47 -6.04 -6.45
N ASN A 92 3.40 -6.19 -5.12
CA ASN A 92 2.67 -7.31 -4.51
C ASN A 92 1.17 -7.32 -4.82
N HIS A 93 0.50 -6.15 -4.83
CA HIS A 93 -0.94 -6.12 -5.09
C HIS A 93 -1.27 -6.42 -6.54
N GLU A 94 -0.28 -6.43 -7.48
CA GLU A 94 -0.52 -6.89 -8.84
C GLU A 94 -0.82 -8.42 -8.89
N PHE A 95 -0.52 -9.18 -7.81
CA PHE A 95 -0.78 -10.62 -7.69
C PHE A 95 -2.04 -10.97 -6.88
N ASP A 96 -2.82 -9.97 -6.41
CA ASP A 96 -4.01 -10.22 -5.58
C ASP A 96 -5.09 -11.08 -6.22
N ASN A 97 -5.24 -11.00 -7.55
CA ASN A 97 -6.24 -11.78 -8.30
C ASN A 97 -5.56 -12.92 -9.06
N GLY A 98 -4.54 -13.54 -8.44
CA GLY A 98 -3.77 -14.60 -9.07
C GLY A 98 -2.93 -14.13 -10.23
N VAL A 99 -2.20 -15.05 -10.86
CA VAL A 99 -1.39 -14.73 -12.05
C VAL A 99 -2.28 -14.39 -13.23
N GLU A 100 -3.49 -14.99 -13.32
CA GLU A 100 -4.41 -14.72 -14.41
C GLU A 100 -5.00 -13.32 -14.31
N GLY A 101 -5.18 -12.82 -13.08
CA GLY A 101 -5.64 -11.46 -12.82
C GLY A 101 -4.59 -10.40 -13.16
N LEU A 102 -3.31 -10.80 -13.28
CA LEU A 102 -2.19 -9.95 -13.70
C LEU A 102 -2.03 -10.07 -15.22
N ILE A 103 -1.96 -11.31 -15.73
CA ILE A 103 -1.75 -11.59 -17.15
C ILE A 103 -2.78 -10.93 -18.07
N GLU A 104 -4.04 -11.27 -17.92
CA GLU A 104 -5.05 -10.83 -18.90
C GLU A 104 -5.38 -9.32 -18.84
N PRO A 105 -5.82 -8.74 -17.71
CA PRO A 105 -6.12 -7.30 -17.71
C PRO A 105 -4.92 -6.38 -17.95
N LEU A 106 -3.77 -6.61 -17.28
CA LEU A 106 -2.62 -5.70 -17.38
C LEU A 106 -1.53 -6.12 -18.35
N LEU A 107 -0.84 -7.26 -18.12
CA LEU A 107 0.30 -7.65 -18.97
C LEU A 107 0.02 -7.71 -20.48
N LYS A 108 -1.08 -8.32 -20.89
CA LYS A 108 -1.42 -8.41 -22.32
C LYS A 108 -1.86 -7.05 -22.92
N GLU A 109 -2.26 -6.04 -22.09
CA GLU A 109 -2.79 -4.77 -22.59
C GLU A 109 -1.91 -3.53 -22.41
N ALA A 110 -0.84 -3.59 -21.59
CA ALA A 110 0.05 -2.45 -21.40
C ALA A 110 0.90 -2.24 -22.68
N LYS A 111 1.13 -0.95 -23.05
CA LYS A 111 1.95 -0.56 -24.19
C LYS A 111 3.35 -0.18 -23.71
N PHE A 112 3.66 -0.40 -22.42
CA PHE A 112 4.97 -0.08 -21.83
C PHE A 112 5.48 -1.36 -21.17
N PRO A 113 6.83 -1.48 -21.04
CA PRO A 113 7.38 -2.68 -20.40
C PRO A 113 7.03 -2.78 -18.93
N ILE A 114 6.72 -4.00 -18.48
CA ILE A 114 6.41 -4.31 -17.09
C ILE A 114 7.54 -5.18 -16.64
N LEU A 115 8.19 -4.82 -15.53
CA LEU A 115 9.45 -5.39 -15.09
C LEU A 115 9.52 -6.03 -13.70
N SER A 116 10.32 -7.12 -13.64
CA SER A 116 10.71 -7.80 -12.39
C SER A 116 11.81 -8.80 -12.70
N ALA A 117 13.02 -8.59 -12.18
CA ALA A 117 14.21 -9.45 -12.42
C ALA A 117 14.32 -10.58 -11.41
N ASN A 118 13.63 -10.46 -10.26
CA ASN A 118 13.71 -11.48 -9.22
C ASN A 118 12.48 -12.41 -9.17
N ILE A 119 11.67 -12.45 -10.25
CA ILE A 119 10.50 -13.34 -10.35
C ILE A 119 10.83 -14.34 -11.45
N LYS A 120 10.91 -15.64 -11.13
CA LYS A 120 11.18 -16.69 -12.12
C LYS A 120 9.99 -17.62 -12.16
N ALA A 121 9.45 -17.86 -13.35
CA ALA A 121 8.30 -18.76 -13.50
C ALA A 121 8.78 -20.19 -13.77
N LYS A 122 8.06 -21.17 -13.19
CA LYS A 122 8.33 -22.62 -13.30
C LYS A 122 7.05 -23.34 -13.79
N GLY A 123 7.20 -24.63 -14.10
CA GLY A 123 6.12 -25.52 -14.53
C GLY A 123 5.35 -25.09 -15.77
N PRO A 124 4.02 -25.36 -15.81
CA PRO A 124 3.24 -24.99 -17.02
C PRO A 124 3.10 -23.47 -17.22
N LEU A 125 3.09 -22.69 -16.12
CA LEU A 125 2.99 -21.22 -16.14
C LEU A 125 4.15 -20.54 -16.87
N ALA A 126 5.38 -21.07 -16.71
CA ALA A 126 6.62 -20.56 -17.32
C ALA A 126 6.52 -20.35 -18.83
N SER A 127 5.78 -21.26 -19.53
CA SER A 127 5.63 -21.24 -20.99
C SER A 127 4.79 -20.06 -21.52
N GLN A 128 3.60 -19.79 -20.95
CA GLN A 128 2.80 -18.70 -21.48
C GLN A 128 3.12 -17.29 -20.90
N ILE A 129 3.68 -17.17 -19.65
CA ILE A 129 4.06 -15.87 -19.08
C ILE A 129 5.36 -15.33 -19.67
N SER A 130 6.12 -16.17 -20.42
CA SER A 130 7.36 -15.73 -21.05
C SER A 130 7.10 -14.54 -21.97
N GLY A 131 7.86 -13.45 -21.76
CA GLY A 131 7.81 -12.24 -22.56
C GLY A 131 6.82 -11.17 -22.12
N LEU A 132 5.83 -11.53 -21.29
CA LEU A 132 4.80 -10.59 -20.84
C LEU A 132 5.31 -9.60 -19.80
N TYR A 133 6.30 -10.02 -19.00
CA TYR A 133 7.08 -9.16 -18.12
C TYR A 133 8.57 -9.42 -18.48
N LEU A 134 9.44 -8.46 -18.18
CA LEU A 134 10.87 -8.56 -18.50
C LEU A 134 11.74 -8.26 -17.28
N PRO A 135 12.98 -8.80 -17.20
CA PRO A 135 13.85 -8.45 -16.05
C PRO A 135 14.31 -6.99 -16.12
N TYR A 136 14.43 -6.47 -17.35
CA TYR A 136 14.88 -5.11 -17.62
C TYR A 136 14.38 -4.66 -18.96
N LYS A 137 14.50 -3.34 -19.20
CA LYS A 137 14.29 -2.78 -20.53
C LYS A 137 15.33 -1.70 -20.73
N VAL A 138 15.96 -1.67 -21.88
CA VAL A 138 16.90 -0.62 -22.27
C VAL A 138 16.08 0.34 -23.09
N LEU A 139 15.90 1.57 -22.61
CA LEU A 139 15.07 2.56 -23.28
C LEU A 139 15.82 3.66 -23.98
N PRO A 140 15.52 3.98 -25.27
CA PRO A 140 16.16 5.15 -25.88
C PRO A 140 15.58 6.45 -25.26
N VAL A 141 16.46 7.38 -24.88
CA VAL A 141 16.06 8.66 -24.31
C VAL A 141 16.96 9.64 -25.02
N GLY A 142 16.41 10.37 -25.98
CA GLY A 142 17.23 11.25 -26.82
C GLY A 142 18.20 10.46 -27.66
N ASP A 143 19.49 10.82 -27.63
CA ASP A 143 20.57 10.12 -28.33
C ASP A 143 21.28 9.10 -27.40
N GLU A 144 20.74 8.89 -26.18
CA GLU A 144 21.29 7.97 -25.19
C GLU A 144 20.34 6.80 -24.96
N VAL A 145 20.81 5.83 -24.13
CA VAL A 145 19.99 4.72 -23.65
C VAL A 145 20.06 4.71 -22.12
N VAL A 146 18.94 4.33 -21.48
CA VAL A 146 18.87 4.15 -20.03
C VAL A 146 18.33 2.76 -19.82
N GLY A 147 19.02 1.98 -18.97
CA GLY A 147 18.60 0.64 -18.58
C GLY A 147 17.71 0.74 -17.37
N ILE A 148 16.56 0.05 -17.38
CA ILE A 148 15.69 0.00 -16.19
C ILE A 148 15.59 -1.47 -15.79
N VAL A 149 15.99 -1.77 -14.56
CA VAL A 149 15.94 -3.12 -13.99
CA VAL A 149 15.92 -3.13 -14.02
C VAL A 149 14.85 -3.17 -12.92
N GLY A 150 13.92 -4.13 -13.04
CA GLY A 150 12.81 -4.27 -12.11
C GLY A 150 13.04 -5.19 -10.93
N TYR A 151 12.26 -5.00 -9.87
CA TYR A 151 12.25 -5.92 -8.72
C TYR A 151 10.94 -5.84 -7.93
N THR A 152 10.56 -6.99 -7.33
CA THR A 152 9.34 -7.15 -6.56
C THR A 152 9.68 -7.82 -5.23
N SER A 153 9.04 -7.34 -4.14
CA SER A 153 9.22 -7.88 -2.80
C SER A 153 9.40 -9.39 -2.77
N LYS A 154 10.52 -9.89 -2.15
CA LYS A 154 10.74 -11.31 -2.00
C LYS A 154 9.67 -11.94 -1.11
N GLU A 155 8.99 -11.12 -0.30
CA GLU A 155 7.90 -11.53 0.58
C GLU A 155 6.53 -11.65 -0.12
N THR A 156 6.43 -11.37 -1.45
CA THR A 156 5.14 -11.42 -2.18
C THR A 156 4.38 -12.72 -1.94
N PRO A 157 5.01 -13.93 -1.94
CA PRO A 157 4.26 -15.16 -1.61
C PRO A 157 3.39 -15.12 -0.35
N PHE A 158 3.84 -14.36 0.67
CA PHE A 158 3.14 -14.17 1.95
C PHE A 158 2.18 -12.97 1.96
N LEU A 159 2.38 -11.98 1.07
CA LEU A 159 1.57 -10.76 1.01
C LEU A 159 0.39 -10.87 0.04
N SER A 160 0.46 -11.78 -0.93
CA SER A 160 -0.55 -11.86 -1.99
C SER A 160 -0.78 -13.32 -2.39
N ASN A 161 -1.35 -13.54 -3.59
CA ASN A 161 -1.58 -14.88 -4.14
C ASN A 161 -0.85 -15.06 -5.50
N PRO A 162 0.50 -14.99 -5.53
CA PRO A 162 1.21 -15.19 -6.81
C PRO A 162 1.21 -16.64 -7.34
N GLY A 163 0.70 -17.58 -6.53
CA GLY A 163 0.61 -18.99 -6.90
C GLY A 163 1.90 -19.75 -6.68
N THR A 164 1.85 -21.07 -6.90
CA THR A 164 2.94 -22.02 -6.71
C THR A 164 3.98 -22.06 -7.88
N ASN A 165 3.63 -21.49 -9.04
CA ASN A 165 4.48 -21.51 -10.23
C ASN A 165 5.52 -20.37 -10.29
N LEU A 166 5.34 -19.28 -9.52
CA LEU A 166 6.29 -18.19 -9.51
C LEU A 166 7.20 -18.32 -8.30
N VAL A 167 8.50 -18.13 -8.52
CA VAL A 167 9.54 -18.15 -7.49
C VAL A 167 10.02 -16.70 -7.31
N PHE A 168 10.09 -16.23 -6.06
CA PHE A 168 10.57 -14.89 -5.75
C PHE A 168 11.95 -15.02 -5.10
N GLU A 169 12.99 -14.66 -5.87
CA GLU A 169 14.38 -14.67 -5.41
C GLU A 169 14.65 -13.42 -4.59
N ASP A 170 15.79 -13.46 -3.89
CA ASP A 170 16.31 -12.31 -3.18
C ASP A 170 16.59 -11.23 -4.24
N GLU A 171 16.17 -10.02 -3.96
CA GLU A 171 16.30 -8.90 -4.90
C GLU A 171 17.74 -8.63 -5.29
N ILE A 172 18.65 -8.53 -4.31
CA ILE A 172 20.07 -8.24 -4.60
C ILE A 172 20.74 -9.35 -5.44
N THR A 173 20.55 -10.60 -5.06
CA THR A 173 21.07 -11.77 -5.80
C THR A 173 20.62 -11.75 -7.27
N ALA A 174 19.33 -11.48 -7.51
CA ALA A 174 18.76 -11.47 -8.86
C ALA A 174 19.14 -10.23 -9.67
N LEU A 175 19.26 -9.09 -9.00
CA LEU A 175 19.53 -7.82 -9.70
C LEU A 175 20.94 -7.74 -10.25
N GLN A 176 21.97 -8.13 -9.46
CA GLN A 176 23.37 -7.98 -9.84
C GLN A 176 23.72 -8.57 -11.21
N PRO A 177 23.36 -9.82 -11.53
CA PRO A 177 23.72 -10.34 -12.87
C PRO A 177 23.00 -9.60 -14.01
N GLU A 178 21.78 -9.03 -13.78
CA GLU A 178 21.10 -8.26 -14.85
C GLU A 178 21.81 -6.92 -15.05
N VAL A 179 22.24 -6.27 -13.94
CA VAL A 179 22.97 -4.99 -14.00
C VAL A 179 24.32 -5.22 -14.68
N ASP A 180 25.00 -6.32 -14.34
CA ASP A 180 26.27 -6.70 -14.98
C ASP A 180 26.08 -6.95 -16.47
N LYS A 181 24.97 -7.64 -16.86
CA LYS A 181 24.64 -7.88 -18.28
C LYS A 181 24.45 -6.56 -19.01
N LEU A 182 23.68 -5.62 -18.42
CA LEU A 182 23.49 -4.29 -19.01
C LEU A 182 24.85 -3.54 -19.19
N LYS A 183 25.77 -3.68 -18.24
CA LYS A 183 27.07 -3.02 -18.32
C LYS A 183 27.91 -3.60 -19.46
N THR A 184 27.78 -4.92 -19.74
CA THR A 184 28.50 -5.57 -20.84
C THR A 184 27.92 -5.12 -22.18
N LEU A 185 26.64 -4.70 -22.19
CA LEU A 185 25.98 -4.17 -23.37
C LEU A 185 26.22 -2.66 -23.50
N ASN A 186 27.18 -2.08 -22.74
CA ASN A 186 27.54 -0.66 -22.82
C ASN A 186 26.40 0.26 -22.38
N VAL A 187 25.54 -0.20 -21.48
CA VAL A 187 24.48 0.65 -20.94
C VAL A 187 25.12 1.17 -19.67
N ASN A 188 25.47 2.45 -19.64
CA ASN A 188 26.19 3.07 -18.52
C ASN A 188 25.29 3.89 -17.57
N LYS A 189 23.98 4.02 -17.87
CA LYS A 189 22.99 4.69 -17.04
C LYS A 189 21.93 3.64 -16.67
N ILE A 190 21.83 3.27 -15.39
CA ILE A 190 20.94 2.21 -14.89
C ILE A 190 20.03 2.69 -13.72
N ILE A 191 18.72 2.50 -13.89
CA ILE A 191 17.74 2.81 -12.86
C ILE A 191 17.24 1.47 -12.33
N ALA A 192 17.24 1.29 -11.02
CA ALA A 192 16.63 0.12 -10.39
C ALA A 192 15.20 0.59 -10.00
N LEU A 193 14.14 -0.04 -10.56
CA LEU A 193 12.74 0.35 -10.33
C LEU A 193 12.04 -0.82 -9.72
N GLY A 194 11.55 -0.70 -8.49
CA GLY A 194 10.91 -1.84 -7.89
C GLY A 194 10.08 -1.60 -6.67
N HIS A 195 9.52 -2.71 -6.17
CA HIS A 195 8.51 -2.71 -5.12
C HIS A 195 8.84 -3.58 -3.92
N SER A 196 9.76 -3.10 -3.05
CA SER A 196 10.18 -3.84 -1.85
C SER A 196 10.21 -3.06 -0.53
N GLY A 197 10.02 -1.74 -0.56
CA GLY A 197 10.10 -0.89 0.61
C GLY A 197 11.41 -0.15 0.63
N PHE A 198 11.37 1.00 1.27
CA PHE A 198 12.50 1.90 1.43
C PHE A 198 13.75 1.23 2.03
N GLU A 199 13.60 0.30 3.00
CA GLU A 199 14.77 -0.35 3.60
C GLU A 199 15.54 -1.22 2.61
N MET A 200 14.82 -2.03 1.81
CA MET A 200 15.41 -2.84 0.75
C MET A 200 15.99 -1.94 -0.35
N ASP A 201 15.32 -0.81 -0.64
CA ASP A 201 15.75 0.15 -1.67
C ASP A 201 17.14 0.69 -1.33
N LYS A 202 17.35 1.07 -0.03
CA LYS A 202 18.65 1.54 0.45
C LYS A 202 19.70 0.43 0.34
N LEU A 203 19.33 -0.81 0.65
CA LEU A 203 20.25 -1.95 0.52
C LEU A 203 20.65 -2.19 -0.95
N ILE A 204 19.69 -2.08 -1.90
CA ILE A 204 19.95 -2.22 -3.35
C ILE A 204 20.93 -1.14 -3.80
N ALA A 205 20.68 0.09 -3.36
CA ALA A 205 21.57 1.24 -3.65
C ALA A 205 22.96 0.97 -3.13
N GLN A 206 23.07 0.40 -1.92
CA GLN A 206 24.36 0.13 -1.32
C GLN A 206 25.12 -1.03 -2.00
N LYS A 207 24.42 -2.14 -2.29
CA LYS A 207 25.05 -3.37 -2.69
C LYS A 207 25.08 -3.74 -4.17
N VAL A 208 24.12 -3.27 -4.99
CA VAL A 208 24.11 -3.69 -6.39
C VAL A 208 25.00 -2.73 -7.15
N ARG A 209 26.19 -3.24 -7.50
CA ARG A 209 27.21 -2.49 -8.23
CA ARG A 209 27.22 -2.49 -8.23
C ARG A 209 26.65 -2.10 -9.61
N GLY A 210 26.73 -0.80 -9.96
CA GLY A 210 26.23 -0.33 -11.25
C GLY A 210 24.87 0.35 -11.25
N VAL A 211 24.10 0.24 -10.17
CA VAL A 211 22.82 0.95 -10.07
C VAL A 211 23.15 2.41 -9.78
N ASP A 212 22.67 3.30 -10.62
CA ASP A 212 22.87 4.74 -10.46
C ASP A 212 21.79 5.41 -9.61
N VAL A 213 20.55 4.90 -9.65
CA VAL A 213 19.42 5.49 -8.94
CA VAL A 213 19.41 5.50 -8.95
C VAL A 213 18.41 4.40 -8.61
N VAL A 214 17.77 4.52 -7.45
CA VAL A 214 16.75 3.58 -7.03
C VAL A 214 15.41 4.31 -6.90
N VAL A 215 14.37 3.80 -7.57
CA VAL A 215 13.01 4.35 -7.55
C VAL A 215 12.19 3.21 -6.94
N GLY A 216 11.63 3.48 -5.77
CA GLY A 216 10.91 2.52 -4.98
C GLY A 216 9.46 2.75 -4.61
N GLY A 217 8.96 1.85 -3.80
CA GLY A 217 7.56 1.87 -3.39
C GLY A 217 7.35 0.91 -2.25
N HIS A 218 6.10 0.53 -2.01
CA HIS A 218 5.69 -0.46 -1.03
C HIS A 218 5.59 0.08 0.43
N SER A 219 6.51 0.94 0.88
CA SER A 219 6.47 1.48 2.25
C SER A 219 5.77 2.88 2.32
N ASN A 220 5.23 3.38 1.20
CA ASN A 220 4.53 4.67 1.11
C ASN A 220 5.40 5.79 1.68
N THR A 221 6.71 5.69 1.46
CA THR A 221 7.69 6.60 2.03
C THR A 221 7.60 7.95 1.36
N PHE A 222 7.49 8.97 2.19
CA PHE A 222 7.46 10.35 1.79
C PHE A 222 8.83 10.97 2.13
N LEU A 223 9.51 11.47 1.10
CA LEU A 223 10.79 12.13 1.24
C LEU A 223 10.63 13.52 0.71
N TYR A 224 11.28 14.49 1.34
CA TYR A 224 11.16 15.89 0.96
C TYR A 224 12.37 16.70 1.40
N THR A 225 12.80 17.66 0.58
CA THR A 225 13.88 18.59 0.91
C THR A 225 13.21 19.94 1.12
N GLY A 226 13.29 20.45 2.34
CA GLY A 226 12.73 21.76 2.69
C GLY A 226 11.38 21.64 3.36
N ASN A 227 10.55 22.69 3.22
CA ASN A 227 9.23 22.69 3.87
C ASN A 227 8.17 21.90 3.08
N PRO A 228 7.63 20.82 3.68
CA PRO A 228 6.66 19.97 2.96
C PRO A 228 5.32 20.67 2.68
N PRO A 229 4.70 20.41 1.51
CA PRO A 229 3.50 21.17 1.13
C PRO A 229 2.16 20.73 1.73
N SER A 230 2.08 19.55 2.37
CA SER A 230 0.83 19.01 2.95
C SER A 230 1.09 18.34 4.34
N LYS A 231 0.21 17.41 4.76
CA LYS A 231 0.25 16.77 6.08
C LYS A 231 1.27 15.62 6.24
N GLU A 232 1.82 15.09 5.14
CA GLU A 232 2.78 14.00 5.24
C GLU A 232 4.08 14.54 5.79
N VAL A 233 4.61 13.89 6.82
CA VAL A 233 5.86 14.31 7.46
C VAL A 233 7.02 13.58 6.74
N PRO A 234 8.06 14.28 6.26
CA PRO A 234 9.15 13.59 5.60
C PRO A 234 9.95 12.63 6.50
N ALA A 235 10.30 11.46 5.95
CA ALA A 235 11.10 10.41 6.59
C ALA A 235 12.57 10.66 6.33
N GLY A 236 12.86 11.58 5.40
CA GLY A 236 14.21 11.94 5.02
C GLY A 236 14.18 12.99 3.93
N LYS A 237 15.36 13.36 3.45
CA LYS A 237 15.48 14.34 2.38
C LYS A 237 15.17 13.65 1.05
N TYR A 238 14.84 14.47 0.03
CA TYR A 238 14.58 13.96 -1.31
C TYR A 238 15.66 14.53 -2.23
N PRO A 239 16.43 13.69 -2.93
CA PRO A 239 16.49 12.22 -2.77
C PRO A 239 17.20 11.82 -1.46
N PHE A 240 17.01 10.57 -1.07
CA PHE A 240 17.71 10.04 0.08
C PHE A 240 19.02 9.50 -0.48
N ILE A 241 20.15 10.01 -0.01
CA ILE A 241 21.45 9.60 -0.52
C ILE A 241 22.03 8.42 0.24
N VAL A 242 22.43 7.38 -0.49
CA VAL A 242 23.12 6.20 0.03
C VAL A 242 24.54 6.21 -0.57
N THR A 243 25.55 5.94 0.25
CA THR A 243 26.90 5.79 -0.25
C THR A 243 27.04 4.29 -0.46
N SER A 244 27.33 3.90 -1.69
CA SER A 244 27.46 2.50 -2.02
C SER A 244 28.77 1.91 -1.50
N ASP A 245 28.84 0.59 -1.44
CA ASP A 245 30.05 -0.11 -0.99
C ASP A 245 31.26 0.18 -1.93
N ASP A 246 31.02 0.50 -3.20
CA ASP A 246 32.12 0.84 -4.12
C ASP A 246 32.34 2.39 -4.18
N GLY A 247 31.75 3.12 -3.22
CA GLY A 247 31.99 4.54 -2.98
C GLY A 247 31.17 5.59 -3.70
N ARG A 248 30.11 5.22 -4.39
CA ARG A 248 29.27 6.16 -5.14
C ARG A 248 28.09 6.64 -4.34
N LYS A 249 27.68 7.88 -4.58
CA LYS A 249 26.50 8.48 -3.96
C LYS A 249 25.33 8.07 -4.84
N VAL A 250 24.40 7.28 -4.30
CA VAL A 250 23.25 6.78 -5.04
C VAL A 250 21.92 7.38 -4.50
N PRO A 251 21.21 8.22 -5.30
CA PRO A 251 19.90 8.72 -4.84
C PRO A 251 18.85 7.63 -4.81
N VAL A 252 18.06 7.63 -3.75
CA VAL A 252 16.96 6.69 -3.52
C VAL A 252 15.70 7.54 -3.39
N VAL A 253 14.67 7.23 -4.18
CA VAL A 253 13.43 8.03 -4.13
C VAL A 253 12.20 7.15 -4.02
N GLN A 254 11.13 7.79 -3.54
CA GLN A 254 9.81 7.22 -3.34
C GLN A 254 8.84 8.43 -3.28
N ALA A 255 7.57 8.23 -3.60
CA ALA A 255 6.62 9.35 -3.67
C ALA A 255 5.30 9.06 -2.99
N TYR A 256 5.39 8.70 -1.70
CA TYR A 256 4.29 8.44 -0.80
C TYR A 256 3.34 7.39 -1.41
N ALA A 257 2.08 7.72 -1.71
CA ALA A 257 1.07 6.81 -2.20
C ALA A 257 -0.18 7.58 -2.73
N PHE A 258 -1.08 6.81 -3.34
CA PHE A 258 -2.42 7.21 -3.76
C PHE A 258 -2.48 8.25 -4.88
N GLY A 259 -1.38 8.42 -5.55
CA GLY A 259 -1.25 9.41 -6.61
C GLY A 259 -1.35 10.84 -6.14
N LYS A 260 -1.14 11.12 -4.83
CA LYS A 260 -1.26 12.50 -4.30
C LYS A 260 -0.07 13.38 -4.78
N TYR A 261 1.10 12.75 -4.98
CA TYR A 261 2.31 13.43 -5.43
C TYR A 261 2.85 12.79 -6.69
N LEU A 262 3.59 13.57 -7.45
CA LEU A 262 4.36 13.09 -8.59
C LEU A 262 5.80 13.20 -8.17
N GLY A 263 6.51 12.10 -8.10
CA GLY A 263 7.94 12.12 -7.81
C GLY A 263 8.71 12.78 -8.93
N TYR A 264 9.70 13.60 -8.63
CA TYR A 264 10.43 14.38 -9.65
C TYR A 264 11.89 14.48 -9.28
N LEU A 265 12.77 13.78 -10.03
CA LEU A 265 14.21 13.81 -9.78
C LEU A 265 14.96 14.17 -11.06
N LYS A 266 15.79 15.22 -11.00
CA LYS A 266 16.67 15.60 -12.11
C LYS A 266 18.08 15.01 -11.80
N ILE A 267 18.67 14.24 -12.73
CA ILE A 267 19.98 13.64 -12.55
C ILE A 267 20.89 14.19 -13.61
N GLU A 268 22.05 14.69 -13.18
CA GLU A 268 23.08 15.18 -14.07
C GLU A 268 24.12 14.03 -14.22
N PHE A 269 24.16 13.42 -15.43
CA PHE A 269 25.12 12.37 -15.75
C PHE A 269 26.27 12.93 -16.53
N ASP A 270 27.46 12.31 -16.40
CA ASP A 270 28.58 12.65 -17.29
C ASP A 270 28.50 11.66 -18.47
N GLU A 271 29.47 11.75 -19.39
CA GLU A 271 29.47 10.94 -20.63
C GLU A 271 29.70 9.43 -20.38
N ARG A 272 30.26 9.06 -19.22
CA ARG A 272 30.44 7.67 -18.83
C ARG A 272 29.31 7.18 -17.94
N GLY A 273 28.23 7.96 -17.79
CA GLY A 273 27.08 7.54 -17.00
C GLY A 273 27.25 7.60 -15.50
N ASN A 274 28.26 8.38 -15.04
CA ASN A 274 28.38 8.62 -13.59
C ASN A 274 27.41 9.71 -13.21
N VAL A 275 26.78 9.57 -12.04
CA VAL A 275 25.91 10.60 -11.47
C VAL A 275 26.78 11.68 -10.85
N ILE A 276 26.77 12.88 -11.47
CA ILE A 276 27.52 14.03 -10.99
C ILE A 276 26.70 14.67 -9.84
N SER A 277 25.40 14.81 -10.04
CA SER A 277 24.50 15.35 -9.05
C SER A 277 23.05 15.00 -9.42
N SER A 278 22.16 15.27 -8.47
CA SER A 278 20.76 15.12 -8.62
C SER A 278 20.05 16.01 -7.63
N HIS A 279 18.81 16.35 -7.98
CA HIS A 279 17.97 17.13 -7.08
C HIS A 279 16.53 17.02 -7.55
N GLY A 280 15.64 17.35 -6.65
CA GLY A 280 14.23 17.41 -6.95
C GLY A 280 13.39 17.43 -5.70
N ASN A 281 12.16 16.99 -5.86
CA ASN A 281 11.15 16.91 -4.80
C ASN A 281 9.85 16.37 -5.40
N PRO A 282 9.06 15.66 -4.59
CA PRO A 282 7.74 15.23 -5.06
C PRO A 282 6.84 16.45 -5.23
N ILE A 283 6.06 16.45 -6.31
CA ILE A 283 5.17 17.54 -6.64
C ILE A 283 3.80 17.21 -6.10
N LEU A 284 3.25 18.07 -5.24
CA LEU A 284 1.92 17.87 -4.70
C LEU A 284 0.92 18.15 -5.84
N LEU A 285 0.10 17.15 -6.19
CA LEU A 285 -0.86 17.27 -7.29
C LEU A 285 -2.12 17.84 -6.70
N ASP A 286 -2.07 19.14 -6.37
CA ASP A 286 -3.19 19.83 -5.76
C ASP A 286 -4.01 20.58 -6.80
N SER A 287 -5.14 21.13 -6.34
CA SER A 287 -6.10 21.87 -7.16
C SER A 287 -5.50 23.00 -8.01
N SER A 288 -4.29 23.51 -7.70
CA SER A 288 -3.67 24.56 -8.53
C SER A 288 -3.39 23.99 -9.95
N ILE A 289 -3.07 22.66 -10.07
CA ILE A 289 -2.84 22.03 -11.36
C ILE A 289 -4.20 21.69 -11.97
N PRO A 290 -4.54 22.16 -13.19
CA PRO A 290 -5.83 21.77 -13.78
C PRO A 290 -5.85 20.29 -14.19
N GLU A 291 -7.01 19.63 -14.09
CA GLU A 291 -7.20 18.27 -14.57
C GLU A 291 -7.27 18.34 -16.07
N ASP A 292 -6.47 17.54 -16.78
CA ASP A 292 -6.51 17.52 -18.23
C ASP A 292 -7.96 17.25 -18.73
N PRO A 293 -8.52 18.07 -19.63
CA PRO A 293 -9.91 17.83 -20.07
C PRO A 293 -10.15 16.53 -20.85
N SER A 294 -9.21 16.09 -21.68
CA SER A 294 -9.38 14.85 -22.46
C SER A 294 -9.41 13.62 -21.55
N ILE A 295 -8.46 13.53 -20.60
CA ILE A 295 -8.37 12.42 -19.66
C ILE A 295 -9.60 12.43 -18.75
N LYS A 296 -10.01 13.63 -18.26
CA LYS A 296 -11.15 13.80 -17.34
C LYS A 296 -12.45 13.33 -17.98
N ALA A 297 -12.62 13.59 -19.29
CA ALA A 297 -13.81 13.16 -20.02
C ALA A 297 -13.81 11.63 -20.17
N ASP A 298 -12.64 11.03 -20.41
CA ASP A 298 -12.52 9.57 -20.53
C ASP A 298 -12.75 8.92 -19.14
N ILE A 299 -12.24 9.56 -18.07
CA ILE A 299 -12.52 9.10 -16.70
C ILE A 299 -14.06 9.17 -16.47
N ASN A 300 -14.70 10.28 -16.85
CA ASN A 300 -16.15 10.42 -16.69
C ASN A 300 -16.93 9.33 -17.47
N LYS A 301 -16.44 8.88 -18.64
CA LYS A 301 -17.06 7.79 -19.40
C LYS A 301 -16.96 6.46 -18.61
N TRP A 302 -15.74 6.08 -18.16
CA TRP A 302 -15.52 4.86 -17.36
C TRP A 302 -16.25 4.92 -15.99
N ARG A 303 -16.48 6.13 -15.45
CA ARG A 303 -17.21 6.36 -14.20
C ARG A 303 -18.67 5.88 -14.22
N ILE A 304 -19.36 5.93 -15.38
CA ILE A 304 -20.79 5.55 -15.50
C ILE A 304 -21.11 4.21 -14.80
N LYS A 305 -20.35 3.16 -15.12
CA LYS A 305 -20.50 1.79 -14.59
C LYS A 305 -20.34 1.71 -13.05
N LEU A 306 -19.50 2.59 -12.47
CA LEU A 306 -19.23 2.61 -11.04
C LEU A 306 -20.31 3.32 -10.21
N ASP A 307 -21.18 4.13 -10.84
CA ASP A 307 -22.24 4.86 -10.12
C ASP A 307 -23.32 3.95 -9.49
N ASP A 308 -23.36 2.64 -9.83
CA ASP A 308 -24.27 1.68 -9.17
C ASP A 308 -23.90 1.45 -7.69
N TYR A 309 -22.61 1.65 -7.35
CA TYR A 309 -22.04 1.50 -6.01
C TYR A 309 -22.09 2.81 -5.18
N SER A 310 -22.49 3.94 -5.80
CA SER A 310 -22.56 5.29 -5.20
C SER A 310 -24.01 5.77 -4.92
N THR A 311 -25.01 5.24 -5.62
CA THR A 311 -26.39 5.71 -5.49
C THR A 311 -27.13 5.22 -4.24
N GLN A 312 -26.71 4.10 -3.65
CA GLN A 312 -27.40 3.56 -2.47
C GLN A 312 -26.71 3.99 -1.18
N GLU A 313 -27.43 4.77 -0.35
CA GLU A 313 -26.94 5.20 0.96
C GLU A 313 -27.14 4.03 1.92
N LEU A 314 -26.04 3.51 2.48
CA LEU A 314 -26.09 2.42 3.46
C LEU A 314 -26.46 3.00 4.82
N GLY A 315 -25.98 4.20 5.09
CA GLY A 315 -26.26 4.89 6.34
C GLY A 315 -25.53 6.22 6.40
N LYS A 316 -25.50 6.82 7.59
CA LYS A 316 -24.88 8.12 7.83
C LYS A 316 -23.87 8.07 8.99
N THR A 317 -22.80 8.84 8.88
CA THR A 317 -21.86 9.03 9.99
C THR A 317 -21.88 10.53 10.32
N ILE A 318 -21.83 10.85 11.61
CA ILE A 318 -21.77 12.23 12.08
C ILE A 318 -20.39 12.53 12.64
N VAL A 319 -19.45 11.60 12.44
CA VAL A 319 -18.06 11.73 12.86
C VAL A 319 -17.15 11.33 11.72
N TYR A 320 -15.95 11.89 11.71
CA TYR A 320 -14.94 11.50 10.73
C TYR A 320 -14.53 10.06 11.07
N LEU A 321 -14.58 9.18 10.08
CA LEU A 321 -14.23 7.78 10.28
C LEU A 321 -12.76 7.64 9.91
N ASP A 322 -11.92 7.76 10.94
CA ASP A 322 -10.49 7.77 10.78
C ASP A 322 -9.89 6.37 10.52
N GLY A 323 -9.71 6.10 9.24
CA GLY A 323 -9.11 4.90 8.69
C GLY A 323 -7.74 5.23 8.11
N SER A 324 -7.11 6.31 8.59
CA SER A 324 -5.78 6.67 8.09
C SER A 324 -4.70 5.72 8.68
N SER A 325 -3.61 5.50 7.95
CA SER A 325 -2.49 4.70 8.46
C SER A 325 -1.82 5.39 9.67
N GLN A 326 -1.74 6.73 9.64
CA GLN A 326 -1.13 7.56 10.71
C GLN A 326 -1.85 7.38 12.08
N SER A 327 -3.14 7.05 12.06
CA SER A 327 -3.90 6.74 13.26
C SER A 327 -3.90 5.26 13.53
N CYS A 328 -4.45 4.48 12.57
CA CYS A 328 -4.73 3.05 12.74
C CYS A 328 -3.51 2.14 12.90
N ARG A 329 -2.29 2.56 12.55
CA ARG A 329 -1.09 1.76 12.75
C ARG A 329 -0.31 2.23 14.00
N PHE A 330 -0.79 3.23 14.71
CA PHE A 330 -0.10 3.80 15.88
C PHE A 330 -0.92 3.94 17.14
N ARG A 331 -2.21 3.94 17.01
CA ARG A 331 -3.11 4.18 18.13
CA ARG A 331 -3.12 4.17 18.13
C ARG A 331 -4.52 3.64 17.89
N GLU A 332 -5.38 3.70 18.90
CA GLU A 332 -6.76 3.34 18.71
C GLU A 332 -7.32 4.32 17.65
N CYS A 333 -8.04 3.81 16.65
CA CYS A 333 -8.67 4.61 15.60
C CYS A 333 -10.14 4.24 15.52
N ASN A 334 -11.01 5.25 15.38
CA ASN A 334 -12.44 4.99 15.44
C ASN A 334 -12.95 4.15 14.28
N MET A 335 -12.21 4.06 13.13
CA MET A 335 -12.62 3.15 12.05
C MET A 335 -12.43 1.71 12.53
N GLY A 336 -11.32 1.44 13.22
CA GLY A 336 -11.05 0.11 13.79
C GLY A 336 -12.11 -0.34 14.79
N ASN A 337 -12.53 0.58 15.66
CA ASN A 337 -13.58 0.34 16.64
C ASN A 337 -14.91 0.06 15.94
N LEU A 338 -15.21 0.81 14.86
CA LEU A 338 -16.44 0.57 14.10
C LEU A 338 -16.43 -0.83 13.51
N ILE A 339 -15.32 -1.19 12.85
CA ILE A 339 -15.17 -2.49 12.18
C ILE A 339 -15.21 -3.59 13.21
N CYS A 340 -14.49 -3.46 14.32
CA CYS A 340 -14.59 -4.50 15.37
C CYS A 340 -16.00 -4.60 15.99
N ASP A 341 -16.72 -3.47 16.17
CA ASP A 341 -18.09 -3.49 16.69
C ASP A 341 -19.07 -4.14 15.76
N ALA A 342 -18.88 -3.94 14.45
CA ALA A 342 -19.67 -4.62 13.40
C ALA A 342 -19.36 -6.14 13.42
N MET A 343 -18.08 -6.52 13.58
CA MET A 343 -17.65 -7.92 13.61
C MET A 343 -18.34 -8.68 14.77
N ILE A 344 -18.28 -8.10 15.96
CA ILE A 344 -18.91 -8.70 17.14
C ILE A 344 -20.46 -8.67 16.99
N ASN A 345 -21.02 -7.55 16.51
CA ASN A 345 -22.48 -7.49 16.34
C ASN A 345 -23.02 -8.56 15.39
N ASN A 346 -22.25 -8.87 14.32
CA ASN A 346 -22.64 -9.85 13.31
C ASN A 346 -22.71 -11.26 13.89
N ASN A 347 -21.65 -11.71 14.59
CA ASN A 347 -21.66 -13.06 15.19
C ASN A 347 -22.63 -13.18 16.37
N LEU A 348 -22.82 -12.12 17.18
CA LEU A 348 -23.80 -12.14 18.29
C LEU A 348 -25.26 -12.05 17.80
N ARG A 349 -25.47 -11.67 16.51
CA ARG A 349 -26.73 -11.57 15.78
C ARG A 349 -27.78 -10.69 16.47
N ASN A 357 -21.87 -13.04 25.16
CA ASN A 357 -22.09 -14.42 25.62
C ASN A 357 -21.70 -15.48 24.59
N HIS A 358 -21.76 -15.18 23.27
CA HIS A 358 -21.31 -16.14 22.26
C HIS A 358 -19.80 -15.90 22.12
N VAL A 359 -19.39 -14.77 21.49
CA VAL A 359 -17.99 -14.36 21.33
C VAL A 359 -17.93 -12.84 21.60
N SER A 360 -17.02 -12.43 22.47
CA SER A 360 -16.97 -11.03 22.91
C SER A 360 -15.77 -10.24 22.41
N MET A 361 -14.76 -10.88 21.83
CA MET A 361 -13.54 -10.21 21.48
C MET A 361 -13.25 -10.12 19.97
N CYS A 362 -12.62 -9.00 19.55
CA CYS A 362 -12.23 -8.72 18.17
C CYS A 362 -10.80 -8.18 18.14
N ILE A 363 -9.98 -8.65 17.18
CA ILE A 363 -8.66 -8.10 16.85
C ILE A 363 -8.64 -7.90 15.31
N LEU A 364 -8.02 -6.82 14.88
CA LEU A 364 -8.00 -6.39 13.49
C LEU A 364 -6.71 -5.67 13.17
N ASN A 365 -5.93 -6.15 12.20
CA ASN A 365 -4.69 -5.45 11.80
C ASN A 365 -5.05 -4.08 11.24
N GLY A 366 -4.47 -3.01 11.80
CA GLY A 366 -4.72 -1.65 11.35
C GLY A 366 -4.40 -1.39 9.90
N GLY A 367 -3.39 -2.12 9.37
CA GLY A 367 -3.03 -2.02 7.97
C GLY A 367 -4.10 -2.53 7.00
N GLY A 368 -5.03 -3.35 7.49
CA GLY A 368 -6.17 -3.82 6.70
C GLY A 368 -7.22 -2.74 6.46
N ILE A 369 -7.18 -1.64 7.25
CA ILE A 369 -8.11 -0.51 7.12
C ILE A 369 -7.40 0.33 6.06
N ARG A 370 -7.97 0.42 4.85
CA ARG A 370 -7.21 1.01 3.73
C ARG A 370 -7.56 2.44 3.38
N SER A 371 -8.58 3.00 4.01
CA SER A 371 -9.00 4.35 3.79
C SER A 371 -9.89 4.88 4.90
N PRO A 372 -9.87 6.22 5.14
CA PRO A 372 -10.87 6.84 5.99
C PRO A 372 -12.17 7.07 5.21
N ILE A 373 -13.23 7.56 5.88
CA ILE A 373 -14.49 8.01 5.27
C ILE A 373 -14.79 9.36 5.90
N ASP A 374 -15.11 10.34 5.06
CA ASP A 374 -15.42 11.70 5.48
C ASP A 374 -16.92 11.82 5.80
N GLU A 375 -17.23 12.54 6.88
CA GLU A 375 -18.58 12.86 7.36
C GLU A 375 -19.18 14.17 6.79
N ARG A 376 -18.38 15.02 6.12
CA ARG A 376 -18.88 16.30 5.60
C ARG A 376 -19.78 16.18 4.35
N ASN A 377 -19.89 14.99 3.70
CA ASN A 377 -20.76 14.79 2.52
C ASN A 377 -22.25 14.55 2.96
N ASP A 378 -22.80 15.38 3.87
CA ASP A 378 -24.11 15.15 4.47
C ASP A 378 -24.06 13.80 5.25
N GLY A 379 -22.86 13.43 5.73
CA GLY A 379 -22.57 12.18 6.41
C GLY A 379 -22.75 10.87 5.67
N THR A 380 -23.15 10.89 4.39
CA THR A 380 -23.48 9.70 3.60
C THR A 380 -22.34 8.70 3.46
N ILE A 381 -22.68 7.41 3.66
CA ILE A 381 -21.81 6.25 3.52
C ILE A 381 -22.43 5.40 2.40
N THR A 382 -21.64 5.08 1.38
CA THR A 382 -22.05 4.25 0.26
C THR A 382 -21.16 3.01 0.21
N TRP A 383 -21.54 2.06 -0.66
CA TRP A 383 -20.76 0.85 -0.90
C TRP A 383 -19.37 1.28 -1.43
N GLU A 384 -19.34 2.33 -2.28
CA GLU A 384 -18.12 2.89 -2.82
C GLU A 384 -17.15 3.35 -1.71
N ASN A 385 -17.65 4.13 -0.73
CA ASN A 385 -16.87 4.57 0.45
C ASN A 385 -16.34 3.39 1.24
N LEU A 386 -17.19 2.37 1.53
CA LEU A 386 -16.74 1.18 2.28
C LEU A 386 -15.75 0.31 1.50
N ALA A 387 -15.90 0.23 0.17
CA ALA A 387 -15.02 -0.56 -0.70
C ALA A 387 -13.56 -0.04 -0.66
N ALA A 388 -13.35 1.25 -0.42
CA ALA A 388 -12.00 1.81 -0.32
C ALA A 388 -11.41 1.47 1.07
N VAL A 389 -12.29 1.34 2.07
CA VAL A 389 -11.86 0.96 3.42
C VAL A 389 -11.48 -0.52 3.42
N LEU A 390 -12.32 -1.38 2.80
CA LEU A 390 -12.17 -2.83 2.82
C LEU A 390 -12.19 -3.34 1.39
N PRO A 391 -11.06 -3.19 0.68
CA PRO A 391 -11.01 -3.62 -0.74
C PRO A 391 -10.70 -5.08 -1.06
N PHE A 392 -10.24 -5.89 -0.09
CA PHE A 392 -9.68 -7.21 -0.34
C PHE A 392 -10.64 -8.38 -0.48
N GLY A 393 -11.91 -8.22 -0.10
CA GLY A 393 -12.86 -9.31 -0.21
C GLY A 393 -12.56 -10.45 0.75
N GLY A 394 -12.03 -10.10 1.92
CA GLY A 394 -11.72 -11.10 2.95
C GLY A 394 -12.95 -11.42 3.78
N THR A 395 -12.80 -12.35 4.73
CA THR A 395 -13.88 -12.72 5.64
C THR A 395 -13.47 -12.44 7.08
N PHE A 396 -14.46 -12.32 7.98
CA PHE A 396 -14.22 -12.11 9.40
C PHE A 396 -14.54 -13.43 10.06
N ASP A 397 -13.47 -14.17 10.42
CA ASP A 397 -13.58 -15.52 10.94
C ASP A 397 -13.58 -15.62 12.44
N LEU A 398 -14.17 -16.71 12.91
CA LEU A 398 -14.27 -17.03 14.32
C LEU A 398 -13.12 -17.94 14.64
N VAL A 399 -12.39 -17.65 15.71
CA VAL A 399 -11.24 -18.46 16.12
C VAL A 399 -11.28 -18.61 17.65
N GLN A 400 -10.74 -19.72 18.16
CA GLN A 400 -10.61 -20.01 19.57
C GLN A 400 -9.11 -20.03 19.87
N LEU A 401 -8.66 -19.13 20.78
CA LEU A 401 -7.26 -18.98 21.15
C LEU A 401 -7.04 -19.13 22.63
N LYS A 402 -5.82 -19.50 22.98
CA LYS A 402 -5.38 -19.56 24.36
C LYS A 402 -5.00 -18.14 24.75
N GLY A 403 -5.12 -17.79 26.03
CA GLY A 403 -4.69 -16.49 26.49
C GLY A 403 -3.24 -16.20 26.17
N SER A 404 -2.37 -17.22 26.32
CA SER A 404 -0.94 -17.13 25.99
C SER A 404 -0.72 -16.70 24.52
N THR A 405 -1.53 -17.25 23.58
CA THR A 405 -1.46 -16.94 22.17
C THR A 405 -1.83 -15.46 21.97
N LEU A 406 -2.94 -15.02 22.60
CA LEU A 406 -3.40 -13.65 22.52
CA LEU A 406 -3.38 -13.65 22.48
C LEU A 406 -2.34 -12.67 23.05
N LYS A 407 -1.70 -13.01 24.19
CA LYS A 407 -0.67 -12.16 24.79
C LYS A 407 0.48 -11.96 23.78
N LYS A 408 0.92 -13.06 23.15
CA LYS A 408 1.96 -13.00 22.12
C LYS A 408 1.53 -12.21 20.90
N ALA A 409 0.25 -12.26 20.51
CA ALA A 409 -0.25 -11.46 19.38
C ALA A 409 -0.15 -9.99 19.76
N PHE A 410 -0.59 -9.62 20.95
CA PHE A 410 -0.50 -8.22 21.38
C PHE A 410 0.96 -7.76 21.52
N GLU A 411 1.89 -8.67 21.90
CA GLU A 411 3.32 -8.32 21.92
C GLU A 411 3.78 -8.08 20.48
N HIS A 412 3.35 -8.94 19.54
CA HIS A 412 3.64 -8.76 18.11
C HIS A 412 3.10 -7.41 17.54
N SER A 413 1.90 -6.99 17.95
CA SER A 413 1.27 -5.73 17.53
C SER A 413 2.17 -4.52 17.69
N VAL A 414 3.02 -4.50 18.75
CA VAL A 414 3.93 -3.38 19.05
C VAL A 414 5.43 -3.77 19.10
N HIS A 415 5.83 -4.97 18.62
CA HIS A 415 7.22 -5.44 18.68
C HIS A 415 8.21 -4.51 17.97
N ARG A 416 7.78 -3.83 16.90
CA ARG A 416 8.62 -2.87 16.16
C ARG A 416 7.82 -1.59 15.95
N TYR A 417 7.17 -1.14 17.00
CA TYR A 417 6.33 0.05 16.97
C TYR A 417 7.12 1.27 16.48
N GLY A 418 6.45 2.10 15.68
CA GLY A 418 7.02 3.35 15.18
C GLY A 418 7.35 3.36 13.70
N GLN A 419 7.25 2.19 13.03
CA GLN A 419 7.60 2.05 11.60
C GLN A 419 6.39 2.07 10.65
N SER A 420 5.20 2.40 11.13
CA SER A 420 3.95 2.47 10.34
C SER A 420 3.62 1.10 9.67
N THR A 421 3.77 0.05 10.44
CA THR A 421 3.54 -1.31 9.95
C THR A 421 2.11 -1.71 10.29
N GLY A 422 1.54 -2.50 9.40
CA GLY A 422 0.14 -2.89 9.47
C GLY A 422 -0.29 -3.81 10.58
N GLU A 423 0.65 -4.48 11.29
CA GLU A 423 0.33 -5.43 12.36
C GLU A 423 -0.30 -4.83 13.63
N PHE A 424 -0.23 -3.52 13.84
CA PHE A 424 -0.80 -2.89 15.03
C PHE A 424 -2.29 -3.24 15.11
N LEU A 425 -2.75 -3.78 16.22
CA LEU A 425 -4.12 -4.25 16.30
C LEU A 425 -5.12 -3.23 16.80
N GLN A 426 -6.23 -3.16 16.07
CA GLN A 426 -7.43 -2.47 16.51
C GLN A 426 -8.27 -3.59 17.20
N VAL A 427 -9.11 -3.22 18.14
CA VAL A 427 -9.81 -4.21 18.98
C VAL A 427 -11.27 -3.89 19.30
N GLY A 428 -11.91 -4.89 19.85
CA GLY A 428 -13.25 -4.87 20.42
C GLY A 428 -13.29 -5.88 21.55
N GLY A 429 -13.91 -5.50 22.66
CA GLY A 429 -14.02 -6.36 23.84
C GLY A 429 -12.70 -6.60 24.54
N ILE A 430 -11.72 -5.71 24.33
CA ILE A 430 -10.36 -5.83 24.86
C ILE A 430 -9.92 -4.44 25.26
N HIS A 431 -9.25 -4.35 26.42
CA HIS A 431 -8.64 -3.15 26.93
C HIS A 431 -7.19 -3.51 27.16
N VAL A 432 -6.31 -3.01 26.31
CA VAL A 432 -4.88 -3.27 26.32
C VAL A 432 -4.16 -1.96 26.67
N VAL A 433 -3.08 -2.08 27.44
CA VAL A 433 -2.21 -0.97 27.82
C VAL A 433 -0.80 -1.44 27.49
N TYR A 434 -0.07 -0.64 26.72
CA TYR A 434 1.30 -0.91 26.32
C TYR A 434 2.23 0.08 26.99
N ASP A 435 3.48 -0.34 27.19
CA ASP A 435 4.55 0.50 27.72
C ASP A 435 5.69 0.33 26.73
N LEU A 436 5.86 1.31 25.84
CA LEU A 436 6.89 1.24 24.79
C LEU A 436 8.33 1.40 25.31
N SER A 437 8.52 1.81 26.57
CA SER A 437 9.84 1.91 27.20
C SER A 437 10.45 0.51 27.47
N ARG A 438 9.59 -0.52 27.59
CA ARG A 438 10.01 -1.90 27.85
C ARG A 438 10.56 -2.56 26.56
N LYS A 439 11.25 -3.70 26.70
CA LYS A 439 11.84 -4.39 25.54
C LYS A 439 10.76 -5.06 24.68
N PRO A 440 11.01 -5.27 23.35
CA PRO A 440 10.02 -5.98 22.52
C PRO A 440 9.73 -7.38 23.06
N GLY A 441 8.48 -7.79 23.02
CA GLY A 441 8.05 -9.05 23.61
C GLY A 441 7.61 -8.91 25.06
N ASP A 442 7.77 -7.70 25.68
CA ASP A 442 7.37 -7.46 27.07
C ASP A 442 6.72 -6.05 27.26
N ARG A 443 6.08 -5.51 26.22
CA ARG A 443 5.49 -4.17 26.26
C ARG A 443 4.03 -4.14 26.73
N VAL A 444 3.34 -5.28 26.76
CA VAL A 444 1.95 -5.36 27.23
C VAL A 444 1.95 -5.33 28.76
N VAL A 445 1.52 -4.20 29.35
CA VAL A 445 1.49 -4.02 30.82
C VAL A 445 0.09 -4.30 31.41
N LYS A 446 -0.95 -4.23 30.59
CA LYS A 446 -2.32 -4.58 31.00
C LYS A 446 -3.06 -5.14 29.79
N LEU A 447 -3.83 -6.20 30.01
CA LEU A 447 -4.64 -6.83 28.97
C LEU A 447 -5.87 -7.43 29.63
N ASP A 448 -6.97 -6.67 29.59
CA ASP A 448 -8.24 -7.10 30.16
C ASP A 448 -9.17 -7.43 29.02
N VAL A 449 -9.99 -8.47 29.21
CA VAL A 449 -10.93 -8.95 28.21
C VAL A 449 -12.31 -9.14 28.82
N LEU A 450 -13.32 -9.02 27.98
CA LEU A 450 -14.72 -9.11 28.34
C LEU A 450 -15.07 -10.55 28.59
N CYS A 451 -15.59 -10.85 29.79
CA CYS A 451 -15.96 -12.22 30.13
C CYS A 451 -17.12 -12.72 29.24
N THR A 452 -17.12 -14.02 29.02
CA THR A 452 -18.13 -14.70 28.22
C THR A 452 -18.97 -15.58 29.13
N LYS A 453 -18.32 -16.31 30.06
CA LYS A 453 -18.96 -17.19 31.04
C LYS A 453 -19.29 -16.35 32.29
N CYS A 454 -20.23 -15.44 32.12
CA CYS A 454 -20.68 -14.49 33.16
C CYS A 454 -22.00 -13.98 32.66
N ARG A 455 -22.94 -13.71 33.55
CA ARG A 455 -24.24 -13.22 33.10
C ARG A 455 -24.19 -11.73 32.72
N VAL A 456 -23.31 -10.97 33.38
CA VAL A 456 -23.12 -9.56 33.09
C VAL A 456 -21.71 -9.40 32.54
N PRO A 457 -21.53 -9.07 31.27
CA PRO A 457 -20.17 -8.91 30.75
C PRO A 457 -19.41 -7.77 31.45
N SER A 458 -18.16 -8.03 31.81
CA SER A 458 -17.26 -7.08 32.46
C SER A 458 -15.83 -7.44 32.15
N TYR A 459 -14.92 -6.51 32.38
CA TYR A 459 -13.51 -6.71 32.07
C TYR A 459 -12.73 -7.33 33.21
N ASP A 460 -11.98 -8.39 32.88
CA ASP A 460 -11.13 -9.08 33.84
C ASP A 460 -9.78 -9.29 33.17
N PRO A 461 -8.68 -9.39 33.95
CA PRO A 461 -7.38 -9.68 33.34
C PRO A 461 -7.37 -10.96 32.50
N LEU A 462 -6.71 -10.92 31.33
CA LEU A 462 -6.58 -12.13 30.52
C LEU A 462 -5.79 -13.16 31.35
N LYS A 463 -6.12 -14.44 31.21
CA LYS A 463 -5.42 -15.53 31.87
C LYS A 463 -4.74 -16.35 30.78
N MET A 464 -3.45 -16.65 30.98
CA MET A 464 -2.57 -17.33 30.02
C MET A 464 -3.03 -18.74 29.67
N ASP A 465 -3.52 -19.48 30.65
CA ASP A 465 -3.96 -20.87 30.51
C ASP A 465 -5.46 -21.03 30.15
N GLU A 466 -6.21 -19.90 29.99
CA GLU A 466 -7.63 -19.94 29.61
C GLU A 466 -7.79 -19.91 28.08
N VAL A 467 -9.05 -20.02 27.61
CA VAL A 467 -9.42 -20.11 26.20
C VAL A 467 -10.44 -19.03 25.87
N TYR A 468 -10.18 -18.28 24.81
CA TYR A 468 -11.03 -17.18 24.40
C TYR A 468 -11.44 -17.36 22.96
N LYS A 469 -12.65 -16.93 22.62
CA LYS A 469 -13.13 -16.90 21.24
C LYS A 469 -12.93 -15.47 20.72
N VAL A 470 -12.27 -15.32 19.56
CA VAL A 470 -11.95 -14.04 18.94
C VAL A 470 -12.44 -14.02 17.49
N ILE A 471 -13.06 -12.91 17.07
CA ILE A 471 -13.42 -12.68 15.69
C ILE A 471 -12.29 -11.81 15.09
N LEU A 472 -11.78 -12.25 13.94
CA LEU A 472 -10.66 -11.57 13.29
C LEU A 472 -10.66 -11.86 11.79
N PRO A 473 -9.95 -11.05 10.98
CA PRO A 473 -9.87 -11.34 9.54
C PRO A 473 -9.21 -12.67 9.26
N ASN A 474 -9.60 -13.39 8.17
CA ASN A 474 -8.92 -14.63 7.78
C ASN A 474 -7.44 -14.37 7.54
N PHE A 475 -7.10 -13.13 7.06
CA PHE A 475 -5.73 -12.68 6.87
C PHE A 475 -4.91 -12.95 8.13
N LEU A 476 -5.45 -12.67 9.33
CA LEU A 476 -4.76 -12.96 10.59
C LEU A 476 -4.85 -14.44 11.01
N ALA A 477 -6.00 -15.09 10.79
CA ALA A 477 -6.15 -16.53 11.11
C ALA A 477 -5.12 -17.35 10.32
N ASN A 478 -4.77 -16.88 9.09
CA ASN A 478 -3.75 -17.50 8.23
C ASN A 478 -2.31 -17.06 8.58
N GLY A 479 -2.10 -16.32 9.67
CA GLY A 479 -0.77 -15.89 10.09
C GLY A 479 -0.16 -14.73 9.30
N GLY A 480 -1.02 -13.91 8.68
CA GLY A 480 -0.62 -12.73 7.94
C GLY A 480 -0.10 -11.67 8.90
N ASP A 481 0.74 -10.76 8.40
CA ASP A 481 1.39 -9.71 9.20
C ASP A 481 2.30 -10.27 10.30
N GLY A 482 2.87 -11.46 10.07
CA GLY A 482 3.76 -12.13 11.02
C GLY A 482 3.09 -12.66 12.28
N PHE A 483 1.75 -12.87 12.26
CA PHE A 483 1.00 -13.44 13.38
C PHE A 483 0.99 -14.96 13.24
N GLN A 484 2.19 -15.54 13.12
CA GLN A 484 2.39 -16.97 12.95
C GLN A 484 1.81 -17.74 14.16
N MET A 485 1.95 -17.17 15.38
CA MET A 485 1.39 -17.78 16.59
C MET A 485 -0.14 -18.03 16.49
N ILE A 486 -0.90 -17.16 15.75
CA ILE A 486 -2.35 -17.38 15.61
C ILE A 486 -2.60 -18.63 14.76
N LYS A 487 -2.01 -18.71 13.56
CA LYS A 487 -2.17 -19.88 12.69
C LYS A 487 -1.63 -21.18 13.37
N ASP A 488 -0.45 -21.10 14.00
CA ASP A 488 0.19 -22.25 14.65
C ASP A 488 -0.51 -22.74 15.92
N GLU A 489 -0.91 -21.82 16.82
CA GLU A 489 -1.48 -22.18 18.13
C GLU A 489 -3.01 -22.20 18.22
N LEU A 490 -3.79 -21.66 17.25
CA LEU A 490 -5.27 -21.67 17.38
C LEU A 490 -5.85 -23.08 17.60
N LEU A 491 -6.98 -23.16 18.32
CA LEU A 491 -7.68 -24.39 18.67
C LEU A 491 -8.89 -24.69 17.78
N ARG A 492 -9.51 -23.67 17.21
CA ARG A 492 -10.66 -23.80 16.31
C ARG A 492 -10.59 -22.61 15.32
N HIS A 493 -11.06 -22.84 14.07
CA HIS A 493 -11.11 -21.81 13.04
C HIS A 493 -12.34 -22.03 12.17
N ASP A 494 -13.37 -21.18 12.30
CA ASP A 494 -14.59 -21.27 11.49
C ASP A 494 -14.55 -20.09 10.51
N SER A 495 -14.81 -20.36 9.21
CA SER A 495 -14.89 -19.31 8.20
C SER A 495 -16.14 -18.46 8.46
N GLY A 496 -16.05 -17.18 8.16
CA GLY A 496 -17.16 -16.26 8.40
C GLY A 496 -17.67 -15.52 7.18
N ASP A 497 -18.41 -14.43 7.43
CA ASP A 497 -19.04 -13.62 6.39
C ASP A 497 -18.06 -12.65 5.75
N GLN A 498 -18.36 -12.20 4.52
CA GLN A 498 -17.51 -11.27 3.75
C GLN A 498 -17.36 -9.95 4.52
N ASP A 499 -16.12 -9.50 4.71
CA ASP A 499 -15.83 -8.30 5.49
C ASP A 499 -16.70 -7.07 5.20
N ILE A 500 -16.77 -6.66 3.92
CA ILE A 500 -17.53 -5.48 3.54
C ILE A 500 -19.03 -5.64 3.82
N ASN A 501 -19.59 -6.86 3.66
CA ASN A 501 -21.00 -7.12 3.94
C ASN A 501 -21.32 -7.00 5.42
N VAL A 502 -20.40 -7.44 6.31
CA VAL A 502 -20.53 -7.36 7.76
C VAL A 502 -20.67 -5.89 8.21
N VAL A 503 -19.80 -5.04 7.72
CA VAL A 503 -19.77 -3.62 8.08
C VAL A 503 -20.98 -2.88 7.46
N SER A 504 -21.25 -3.14 6.19
CA SER A 504 -22.40 -2.58 5.46
C SER A 504 -23.74 -2.85 6.21
N THR A 505 -23.98 -4.13 6.58
CA THR A 505 -25.16 -4.58 7.31
C THR A 505 -25.26 -3.87 8.68
N TYR A 506 -24.14 -3.74 9.38
CA TYR A 506 -24.08 -3.06 10.66
C TYR A 506 -24.44 -1.57 10.52
N ILE A 507 -23.84 -0.89 9.54
CA ILE A 507 -24.14 0.52 9.27
C ILE A 507 -25.63 0.71 8.92
N SER A 508 -26.22 -0.19 8.10
CA SER A 508 -27.66 -0.10 7.75
C SER A 508 -28.59 -0.27 8.98
N LYS A 509 -28.22 -1.18 9.91
CA LYS A 509 -28.98 -1.41 11.15
C LYS A 509 -28.92 -0.17 12.05
N MET A 510 -27.73 0.43 12.20
CA MET A 510 -27.54 1.58 13.09
C MET A 510 -28.08 2.88 12.52
N LYS A 511 -28.03 3.06 11.18
CA LYS A 511 -28.56 4.22 10.43
C LYS A 511 -27.67 5.46 10.58
N VAL A 512 -27.32 5.85 11.82
CA VAL A 512 -26.41 6.97 12.11
C VAL A 512 -25.35 6.45 13.05
N ILE A 513 -24.08 6.49 12.62
CA ILE A 513 -22.97 6.02 13.45
C ILE A 513 -22.12 7.19 13.96
N TYR A 514 -21.47 6.97 15.10
CA TYR A 514 -20.63 7.98 15.75
C TYR A 514 -19.57 7.27 16.61
N PRO A 515 -18.75 6.37 15.98
CA PRO A 515 -17.73 5.63 16.75
C PRO A 515 -16.67 6.58 17.29
N ALA A 516 -16.33 6.38 18.54
CA ALA A 516 -15.40 7.21 19.25
C ALA A 516 -14.13 6.44 19.56
N VAL A 517 -13.08 7.18 19.90
CA VAL A 517 -11.86 6.63 20.44
C VAL A 517 -12.22 6.61 21.94
N GLU A 518 -12.19 5.46 22.57
CA GLU A 518 -12.69 5.43 23.95
C GLU A 518 -11.80 4.72 24.98
N GLY A 519 -10.51 4.60 24.72
CA GLY A 519 -9.59 3.99 25.68
C GLY A 519 -9.40 2.50 25.57
N ARG A 520 -9.78 1.89 24.43
CA ARG A 520 -9.56 0.45 24.25
C ARG A 520 -8.05 0.11 24.17
N ILE A 521 -7.23 1.05 23.65
CA ILE A 521 -5.79 0.90 23.54
C ILE A 521 -5.20 2.12 24.17
N LYS A 522 -4.28 1.93 25.12
CA LYS A 522 -3.60 3.03 25.80
C LYS A 522 -2.11 2.77 25.90
N PHE A 523 -1.36 3.83 26.09
CA PHE A 523 0.09 3.81 26.27
C PHE A 523 0.38 4.38 27.66
N SER A 524 1.24 3.72 28.45
CA SER A 524 1.58 4.22 29.79
C SER A 524 2.75 5.17 29.66
N LEU A 525 2.67 6.38 30.28
CA LEU A 525 3.77 7.35 30.22
C LEU A 525 4.97 6.82 31.01
N GLU A 526 4.75 6.39 32.28
CA GLU A 526 5.80 5.86 33.17
C GLU A 526 6.25 4.44 32.75
ZN ZN B . 0.83 -0.38 -1.74
ZN ZN C . 3.21 -3.26 -1.84
CA CA D . 26.15 4.78 -14.46
N1 KYW E . -5.73 -8.47 3.91
N3 KYW E . -4.67 -6.76 5.22
C4 KYW E . -3.81 -6.64 4.20
C5 KYW E . -3.85 -7.31 3.00
C6 KYW E . -4.91 -8.26 2.86
C8 KYW E . -2.23 -5.95 2.86
C20 KYW E . -6.24 -10.04 1.75
C21 KYW E . -4.23 -9.22 0.59
C22 KYW E . -3.38 -13.38 -0.11
C24 KYW E . -4.28 -11.28 -0.87
C26 KYW E . -3.22 -11.42 1.27
PB KYW E . 1.05 -2.74 0.48
O1B KYW E . 1.86 -3.61 -0.43
O2B KYW E . 0.00 -3.62 1.22
O3B KYW E . 0.18 -1.69 -0.23
PA KYW E . 1.21 -0.93 2.99
O1A KYW E . 2.12 -0.26 4.00
O2A KYW E . 0.40 0.22 2.34
C3A KYW E . 2.02 -1.88 1.71
O5' KYW E . 0.17 -1.87 3.70
C5' KYW E . 0.63 -3.07 4.36
C4' KYW E . -0.38 -3.61 5.33
O4' KYW E . -1.65 -3.80 4.67
C3' KYW E . 0.00 -5.00 5.85
O3' KYW E . 0.95 -4.90 6.89
C2' KYW E . -1.36 -5.59 6.22
O2' KYW E . -1.77 -5.22 7.51
C1' KYW E . -2.29 -4.93 5.20
N9 KYW E . -2.73 -5.79 4.12
N7 KYW E . -2.86 -6.84 2.15
N6 KYW E . -5.10 -9.11 1.78
C2 KYW E . -5.58 -7.68 4.95
C23 KYW E . -4.04 -12.63 -1.07
C25 KYW E . -3.86 -10.66 0.31
C27 KYW E . -2.98 -12.77 1.06
CL2 KYW E . -6.79 -7.87 6.19
H8 KYW E . -1.36 -5.39 2.51
H1 KYW E . -7.14 -9.69 2.23
H2 KYW E . -5.97 -10.98 2.24
H3 KYW E . -6.55 -10.25 0.73
H5 KYW E . -3.31 -8.68 0.75
H4 KYW E . -4.66 -8.77 -0.30
H21 KYW E . -3.18 -14.43 -0.29
H23 KYW E . -4.78 -10.71 -1.65
H25 KYW E . -2.88 -10.98 2.21
H3A2 KYW E . 2.68 -2.62 2.16
H3A1 KYW E . 2.72 -1.23 1.20
H5'2 KYW E . 0.84 -3.79 3.58
H5'1 KYW E . 1.57 -2.89 4.90
H4' KYW E . -0.58 -2.88 6.12
H3' KYW E . 0.45 -5.59 5.05
HO3' KYW E . 1.78 -4.44 6.56
H2' KYW E . -1.32 -6.68 6.14
HO2' KYW E . -1.87 -4.24 7.56
H1' KYW E . -3.20 -4.59 5.68
H22 KYW E . -4.41 -13.08 -2.00
H26 KYW E . -2.46 -13.36 1.82
#